data_2NRK
#
_entry.id   2NRK
#
_cell.length_a   73.665
_cell.length_b   82.149
_cell.length_c   30.519
_cell.angle_alpha   90.00
_cell.angle_beta   90.00
_cell.angle_gamma   90.00
#
_symmetry.space_group_name_H-M   'P 21 21 2'
#
loop_
_entity.id
_entity.type
_entity.pdbx_description
1 polymer 'Hypothetical protein GrpB'
2 water water
#
_entity_poly.entity_id   1
_entity_poly.type   'polypeptide(L)'
_entity_poly.pdbx_seq_one_letter_code
;SNA(MSE)RVIVTEYQPAWVEQFEEEAQALKQILKENCLKVEHIGSTSVPNLAAKPIIDFLVIVEEIEKVDLLQWEFERI
GYEY(MSE)GEFGLSGRRYLRKGPIKRTHHVHIYQFDNTQEILRHLAFRNYLRENPAIATTYGTLKKQLAQAHPDSIDKY
(MSE)DGKDAFIKKIEKEALKKYWE
;
_entity_poly.pdbx_strand_id   A
#
# COMPACT_ATOMS: atom_id res chain seq x y z
N ILE A 7 -0.75 11.33 11.02
CA ILE A 7 -0.15 10.88 12.32
C ILE A 7 -0.24 9.36 12.50
N VAL A 8 0.78 8.77 13.12
CA VAL A 8 0.81 7.33 13.41
C VAL A 8 -0.07 6.99 14.62
N THR A 9 -0.93 5.97 14.47
CA THR A 9 -1.73 5.45 15.57
C THR A 9 -1.33 4.02 15.89
N GLU A 10 -1.72 3.53 17.06
CA GLU A 10 -1.61 2.10 17.31
C GLU A 10 -2.45 1.37 16.26
N TYR A 11 -2.15 0.11 16.06
CA TYR A 11 -2.87 -0.70 15.07
C TYR A 11 -4.38 -0.60 15.29
N GLN A 12 -5.14 -0.48 14.19
CA GLN A 12 -6.60 -0.50 14.26
C GLN A 12 -7.15 -1.75 13.52
N PRO A 13 -7.75 -2.71 14.26
CA PRO A 13 -8.30 -3.88 13.56
C PRO A 13 -9.28 -3.50 12.47
N ALA A 14 -9.92 -2.32 12.60
CA ALA A 14 -10.87 -1.84 11.61
C ALA A 14 -10.24 -1.58 10.24
N TRP A 15 -8.91 -1.43 10.19
CA TRP A 15 -8.26 -1.23 8.90
C TRP A 15 -8.55 -2.39 7.95
N VAL A 16 -8.74 -3.59 8.51
CA VAL A 16 -9.06 -4.77 7.68
C VAL A 16 -10.44 -4.60 7.02
N GLU A 17 -11.41 -4.10 7.80
N GLU A 17 -11.42 -4.11 7.77
CA GLU A 17 -12.76 -3.81 7.32
CA GLU A 17 -12.76 -3.88 7.21
C GLU A 17 -12.70 -2.80 6.18
C GLU A 17 -12.73 -2.76 6.16
N GLN A 18 -11.97 -1.71 6.45
CA GLN A 18 -11.78 -0.62 5.50
C GLN A 18 -11.16 -1.13 4.21
N PHE A 19 -10.15 -1.99 4.32
CA PHE A 19 -9.54 -2.58 3.16
C PHE A 19 -10.58 -3.39 2.35
N GLU A 20 -11.27 -4.31 3.01
CA GLU A 20 -12.17 -5.21 2.29
C GLU A 20 -13.32 -4.46 1.60
N GLU A 21 -13.84 -3.42 2.25
CA GLU A 21 -14.95 -2.64 1.70
C GLU A 21 -14.49 -1.95 0.40
N GLU A 22 -13.34 -1.28 0.49
CA GLU A 22 -12.89 -0.55 -0.67
C GLU A 22 -12.38 -1.51 -1.74
N ALA A 23 -11.82 -2.64 -1.35
CA ALA A 23 -11.34 -3.58 -2.35
C ALA A 23 -12.52 -4.01 -3.27
N GLN A 24 -13.70 -4.21 -2.68
CA GLN A 24 -14.89 -4.59 -3.45
CA GLN A 24 -14.85 -4.59 -3.49
C GLN A 24 -15.26 -3.46 -4.42
N ALA A 25 -15.23 -2.23 -3.92
CA ALA A 25 -15.54 -1.05 -4.73
C ALA A 25 -14.58 -0.98 -5.93
N LEU A 26 -13.29 -1.19 -5.69
CA LEU A 26 -12.29 -1.19 -6.76
C LEU A 26 -12.53 -2.29 -7.80
N LYS A 27 -12.84 -3.50 -7.33
CA LYS A 27 -13.14 -4.60 -8.24
C LYS A 27 -14.36 -4.33 -9.12
N GLN A 28 -15.35 -3.60 -8.59
CA GLN A 28 -16.56 -3.31 -9.38
C GLN A 28 -16.17 -2.50 -10.60
N ILE A 29 -15.16 -1.64 -10.43
CA ILE A 29 -14.72 -0.73 -11.50
C ILE A 29 -13.79 -1.44 -12.47
N LEU A 30 -12.86 -2.22 -11.92
CA LEU A 30 -11.82 -2.83 -12.74
C LEU A 30 -12.30 -4.06 -13.54
N LYS A 31 -13.32 -4.73 -13.02
CA LYS A 31 -13.93 -5.88 -13.70
C LYS A 31 -12.89 -6.96 -14.01
N GLU A 32 -12.97 -7.54 -15.21
CA GLU A 32 -12.14 -8.70 -15.58
CA GLU A 32 -12.13 -8.68 -15.57
C GLU A 32 -10.64 -8.41 -15.64
N ASN A 33 -10.26 -7.16 -15.81
CA ASN A 33 -8.86 -6.79 -15.89
C ASN A 33 -8.16 -6.97 -14.53
N CYS A 34 -8.95 -7.04 -13.46
CA CYS A 34 -8.39 -7.17 -12.09
C CYS A 34 -8.12 -8.63 -11.76
N LEU A 35 -6.84 -8.95 -11.57
CA LEU A 35 -6.48 -10.34 -11.21
C LEU A 35 -6.56 -10.55 -9.72
N LYS A 36 -6.19 -9.51 -8.95
CA LYS A 36 -6.11 -9.66 -7.49
C LYS A 36 -6.02 -8.27 -6.84
N VAL A 37 -6.68 -8.11 -5.70
CA VAL A 37 -6.45 -6.93 -4.85
C VAL A 37 -5.93 -7.45 -3.52
N GLU A 38 -4.76 -6.94 -3.15
CA GLU A 38 -4.10 -7.33 -1.89
C GLU A 38 -3.99 -6.13 -0.95
N HIS A 39 -4.15 -6.39 0.35
CA HIS A 39 -3.90 -5.40 1.37
C HIS A 39 -2.40 -5.42 1.63
N ILE A 40 -1.76 -4.27 1.52
CA ILE A 40 -0.32 -4.18 1.69
C ILE A 40 0.01 -3.02 2.62
N GLY A 41 1.30 -2.78 2.83
CA GLY A 41 1.76 -1.65 3.65
C GLY A 41 1.53 -1.92 5.13
N SER A 42 1.78 -0.92 5.97
CA SER A 42 1.77 -1.19 7.43
C SER A 42 0.40 -1.57 7.94
N THR A 43 -0.68 -1.06 7.32
CA THR A 43 -2.02 -1.39 7.87
C THR A 43 -2.43 -2.85 7.62
N SER A 44 -1.65 -3.56 6.80
CA SER A 44 -1.92 -4.97 6.49
C SER A 44 -1.18 -5.92 7.45
N VAL A 45 -0.44 -5.36 8.42
CA VAL A 45 0.33 -6.18 9.36
C VAL A 45 -0.34 -6.09 10.72
N PRO A 46 -1.06 -7.15 11.12
CA PRO A 46 -1.71 -7.03 12.41
C PRO A 46 -0.78 -6.62 13.56
N ASN A 47 -1.29 -5.69 14.36
CA ASN A 47 -0.62 -5.14 15.55
CA ASN A 47 -0.56 -5.18 15.53
C ASN A 47 0.55 -4.18 15.27
N LEU A 48 0.73 -3.80 14.02
CA LEU A 48 1.76 -2.81 13.68
C LEU A 48 1.17 -1.40 13.76
N ALA A 49 1.84 -0.53 14.52
CA ALA A 49 1.47 0.89 14.53
C ALA A 49 1.68 1.49 13.15
N ALA A 50 0.79 2.40 12.73
CA ALA A 50 0.84 2.90 11.34
C ALA A 50 0.05 4.18 11.18
N LYS A 51 0.38 4.94 10.14
CA LYS A 51 -0.52 5.98 9.67
C LYS A 51 -1.80 5.28 9.18
N PRO A 52 -2.97 5.83 9.53
CA PRO A 52 -4.23 5.19 9.15
C PRO A 52 -4.61 5.46 7.71
N ILE A 53 -3.74 5.03 6.79
CA ILE A 53 -3.94 5.15 5.36
C ILE A 53 -3.83 3.73 4.82
N ILE A 54 -4.91 3.25 4.20
CA ILE A 54 -4.93 1.86 3.75
C ILE A 54 -4.25 1.79 2.38
N ASP A 55 -3.25 0.91 2.27
CA ASP A 55 -2.59 0.64 0.97
C ASP A 55 -3.15 -0.59 0.29
N PHE A 56 -3.47 -0.42 -0.99
CA PHE A 56 -4.00 -1.48 -1.89
C PHE A 56 -3.02 -1.79 -2.99
N LEU A 57 -2.76 -3.10 -3.18
CA LEU A 57 -1.97 -3.59 -4.32
C LEU A 57 -2.96 -4.22 -5.29
N VAL A 58 -3.11 -3.62 -6.46
CA VAL A 58 -4.04 -4.11 -7.45
C VAL A 58 -3.21 -4.64 -8.63
N ILE A 59 -3.41 -5.90 -8.98
CA ILE A 59 -2.65 -6.54 -10.05
C ILE A 59 -3.59 -6.76 -11.21
N VAL A 60 -3.22 -6.26 -12.38
CA VAL A 60 -4.09 -6.29 -13.58
C VAL A 60 -3.43 -6.99 -14.76
N GLU A 61 -4.26 -7.42 -15.71
CA GLU A 61 -3.73 -8.04 -16.94
C GLU A 61 -3.07 -7.02 -17.84
N GLU A 62 -3.69 -5.84 -17.95
CA GLU A 62 -3.25 -4.79 -18.88
CA GLU A 62 -3.25 -4.81 -18.88
C GLU A 62 -3.32 -3.42 -18.22
N ILE A 63 -2.14 -2.84 -17.98
CA ILE A 63 -2.08 -1.56 -17.27
C ILE A 63 -2.67 -0.40 -18.07
N GLU A 64 -2.46 -0.39 -19.39
CA GLU A 64 -2.93 0.74 -20.20
C GLU A 64 -4.45 0.85 -20.20
N LYS A 65 -5.11 -0.29 -20.10
CA LYS A 65 -6.56 -0.35 -19.98
C LYS A 65 -7.13 0.37 -18.74
N VAL A 66 -6.29 0.54 -17.72
CA VAL A 66 -6.74 1.18 -16.48
C VAL A 66 -7.00 2.67 -16.73
N ASP A 67 -6.25 3.24 -17.67
CA ASP A 67 -6.48 4.64 -18.06
C ASP A 67 -7.90 4.93 -18.52
N LEU A 68 -8.58 3.95 -19.09
CA LEU A 68 -9.96 4.13 -19.54
C LEU A 68 -10.90 4.39 -18.37
N LEU A 69 -10.44 4.05 -17.16
CA LEU A 69 -11.29 4.06 -15.97
C LEU A 69 -10.99 5.25 -15.06
N GLN A 70 -10.10 6.14 -15.50
CA GLN A 70 -9.67 7.27 -14.69
C GLN A 70 -10.87 7.99 -14.07
N TRP A 71 -11.88 8.28 -14.88
CA TRP A 71 -13.01 9.10 -14.41
C TRP A 71 -13.97 8.32 -13.50
N GLU A 72 -14.00 6.99 -13.66
CA GLU A 72 -14.73 6.14 -12.72
C GLU A 72 -14.06 6.20 -11.35
N PHE A 73 -12.73 6.15 -11.32
CA PHE A 73 -12.04 6.29 -10.04
C PHE A 73 -12.23 7.67 -9.42
N GLU A 74 -12.21 8.72 -10.25
CA GLU A 74 -12.48 10.06 -9.75
C GLU A 74 -13.87 10.14 -9.12
N ARG A 75 -14.82 9.45 -9.75
CA ARG A 75 -16.23 9.47 -9.29
C ARG A 75 -16.35 8.95 -7.85
N ILE A 76 -15.51 7.98 -7.48
CA ILE A 76 -15.51 7.47 -6.10
C ILE A 76 -14.43 8.13 -5.21
N GLY A 77 -13.91 9.27 -5.68
CA GLY A 77 -13.12 10.14 -4.82
C GLY A 77 -11.63 10.15 -5.01
N TYR A 78 -11.13 9.35 -5.94
CA TYR A 78 -9.69 9.29 -6.19
C TYR A 78 -9.15 10.41 -7.06
N GLU A 79 -7.94 10.87 -6.72
CA GLU A 79 -7.09 11.54 -7.67
C GLU A 79 -6.32 10.46 -8.43
N TYR A 80 -6.39 10.53 -9.75
CA TYR A 80 -5.79 9.57 -10.64
C TYR A 80 -4.40 10.07 -11.00
N MSE A 81 -3.37 9.49 -10.40
CA MSE A 81 -2.02 10.11 -10.45
C MSE A 81 -1.11 9.57 -11.57
O MSE A 81 0.02 10.07 -11.74
CB MSE A 81 -1.29 9.97 -9.10
CG MSE A 81 -1.96 10.63 -7.87
SE MSE A 81 -2.36 12.46 -8.14
CE MSE A 81 -0.61 13.23 -7.96
N GLY A 82 -1.58 8.59 -12.35
CA GLY A 82 -0.71 7.97 -13.36
C GLY A 82 0.42 7.21 -12.71
N GLU A 83 1.58 7.20 -13.37
CA GLU A 83 2.73 6.48 -12.80
C GLU A 83 3.22 7.18 -11.54
N PHE A 84 3.09 8.51 -11.50
CA PHE A 84 3.59 9.30 -10.34
C PHE A 84 5.03 8.87 -9.97
N GLY A 85 5.85 8.73 -11.00
CA GLY A 85 7.26 8.51 -10.80
C GLY A 85 7.71 7.05 -10.83
N LEU A 86 6.79 6.08 -10.90
CA LEU A 86 7.20 4.67 -11.00
CA LEU A 86 7.17 4.67 -10.97
C LEU A 86 6.69 4.02 -12.27
N SER A 87 7.64 3.51 -13.07
CA SER A 87 7.34 2.94 -14.39
C SER A 87 6.34 1.79 -14.28
N GLY A 88 5.28 1.84 -15.07
CA GLY A 88 4.29 0.77 -15.06
C GLY A 88 3.22 0.83 -13.99
N ARG A 89 3.31 1.78 -13.06
CA ARG A 89 2.30 1.90 -12.02
C ARG A 89 1.14 2.77 -12.48
N ARG A 90 -0.06 2.50 -11.96
CA ARG A 90 -1.09 3.55 -11.84
C ARG A 90 -1.37 3.76 -10.37
N TYR A 91 -1.26 5.00 -9.92
CA TYR A 91 -1.35 5.29 -8.50
C TYR A 91 -2.62 6.12 -8.29
N LEU A 92 -3.38 5.78 -7.27
CA LEU A 92 -4.58 6.54 -6.89
C LEU A 92 -4.46 6.94 -5.44
N ARG A 93 -4.92 8.13 -5.12
CA ARG A 93 -4.97 8.56 -3.72
C ARG A 93 -6.28 9.26 -3.46
N LYS A 94 -6.75 9.06 -2.24
CA LYS A 94 -7.91 9.83 -1.74
C LYS A 94 -7.86 9.95 -0.24
N GLY A 95 -8.62 10.89 0.33
CA GLY A 95 -9.55 11.71 -0.41
C GLY A 95 -9.11 13.14 -0.39
N PRO A 96 -9.98 14.06 -0.87
CA PRO A 96 -9.61 15.46 -0.96
C PRO A 96 -9.53 16.10 0.44
N ILE A 97 -10.38 15.66 1.37
CA ILE A 97 -10.36 16.20 2.73
C ILE A 97 -9.21 15.64 3.56
N LYS A 98 -9.15 14.32 3.73
CA LYS A 98 -7.99 13.75 4.41
C LYS A 98 -7.52 12.48 3.70
N ARG A 99 -6.22 12.19 3.81
CA ARG A 99 -5.64 11.02 3.13
C ARG A 99 -6.09 9.75 3.83
N THR A 100 -6.72 8.83 3.08
CA THR A 100 -7.28 7.62 3.66
C THR A 100 -6.93 6.33 2.88
N HIS A 101 -6.73 6.45 1.57
CA HIS A 101 -6.53 5.25 0.69
C HIS A 101 -5.46 5.55 -0.34
N HIS A 102 -4.50 4.65 -0.47
CA HIS A 102 -3.46 4.74 -1.53
C HIS A 102 -3.56 3.43 -2.32
N VAL A 103 -3.76 3.54 -3.63
CA VAL A 103 -3.94 2.36 -4.47
C VAL A 103 -2.79 2.26 -5.44
N HIS A 104 -2.11 1.10 -5.45
CA HIS A 104 -0.89 0.92 -6.23
C HIS A 104 -1.24 -0.15 -7.25
N ILE A 105 -1.42 0.24 -8.51
CA ILE A 105 -1.87 -0.69 -9.53
C ILE A 105 -0.67 -1.05 -10.41
N TYR A 106 -0.44 -2.36 -10.62
CA TYR A 106 0.63 -2.78 -11.50
C TYR A 106 0.16 -3.88 -12.45
N GLN A 107 0.80 -3.98 -13.60
CA GLN A 107 0.56 -5.10 -14.50
C GLN A 107 1.17 -6.39 -13.93
N PHE A 108 0.55 -7.53 -14.23
CA PHE A 108 0.96 -8.82 -13.69
C PHE A 108 2.48 -9.18 -13.88
N ASP A 109 3.11 -8.57 -14.90
CA ASP A 109 4.51 -8.89 -15.18
C ASP A 109 5.51 -7.96 -14.54
N ASN A 110 5.02 -7.04 -13.71
CA ASN A 110 5.92 -6.22 -12.91
C ASN A 110 6.24 -6.93 -11.60
N THR A 111 6.95 -8.03 -11.74
CA THR A 111 7.21 -8.90 -10.56
C THR A 111 8.03 -8.20 -9.49
N GLN A 112 8.95 -7.31 -9.89
CA GLN A 112 9.80 -6.65 -8.89
CA GLN A 112 9.80 -6.64 -8.90
C GLN A 112 8.97 -5.82 -7.90
N GLU A 113 8.03 -5.03 -8.43
CA GLU A 113 7.22 -4.15 -7.55
C GLU A 113 6.20 -4.96 -6.80
N ILE A 114 5.59 -5.92 -7.50
CA ILE A 114 4.57 -6.72 -6.82
C ILE A 114 5.16 -7.47 -5.63
N LEU A 115 6.27 -8.18 -5.88
CA LEU A 115 6.94 -8.88 -4.75
C LEU A 115 7.55 -7.98 -3.71
N ARG A 116 7.99 -6.78 -4.11
CA ARG A 116 8.55 -5.84 -3.10
C ARG A 116 7.50 -5.65 -2.01
N HIS A 117 6.26 -5.37 -2.44
CA HIS A 117 5.18 -5.13 -1.48
C HIS A 117 4.77 -6.39 -0.75
N LEU A 118 4.53 -7.49 -1.48
CA LEU A 118 4.00 -8.68 -0.81
C LEU A 118 5.04 -9.30 0.11
N ALA A 119 6.30 -9.37 -0.33
CA ALA A 119 7.31 -9.99 0.51
C ALA A 119 7.48 -9.19 1.80
N PHE A 120 7.51 -7.85 1.69
CA PHE A 120 7.68 -6.93 2.83
C PHE A 120 6.57 -7.19 3.85
N ARG A 121 5.32 -7.22 3.36
CA ARG A 121 4.19 -7.50 4.23
C ARG A 121 4.31 -8.86 4.90
N ASN A 122 4.56 -9.90 4.10
CA ASN A 122 4.58 -11.27 4.64
C ASN A 122 5.64 -11.40 5.71
N TYR A 123 6.80 -10.80 5.46
CA TYR A 123 7.93 -10.86 6.37
C TYR A 123 7.59 -10.16 7.71
N LEU A 124 6.97 -8.97 7.65
CA LEU A 124 6.61 -8.29 8.91
C LEU A 124 5.55 -9.12 9.68
N ARG A 125 4.60 -9.71 8.96
CA ARG A 125 3.59 -10.55 9.60
C ARG A 125 4.21 -11.72 10.33
N GLU A 126 5.31 -12.25 9.81
CA GLU A 126 6.00 -13.44 10.43
C GLU A 126 7.08 -13.10 11.46
N ASN A 127 7.37 -11.81 11.59
CA ASN A 127 8.47 -11.34 12.43
C ASN A 127 8.00 -10.18 13.30
N PRO A 128 7.19 -10.49 14.35
CA PRO A 128 6.65 -9.43 15.21
C PRO A 128 7.71 -8.55 15.86
N ALA A 129 8.89 -9.09 16.17
CA ALA A 129 9.96 -8.27 16.75
C ALA A 129 10.45 -7.19 15.78
N ILE A 130 10.54 -7.55 14.50
CA ILE A 130 10.92 -6.59 13.48
C ILE A 130 9.80 -5.56 13.28
N ALA A 131 8.55 -6.04 13.25
CA ALA A 131 7.42 -5.10 13.15
C ALA A 131 7.44 -4.12 14.33
N THR A 132 7.73 -4.61 15.54
CA THR A 132 7.79 -3.73 16.72
C THR A 132 8.89 -2.69 16.57
N THR A 133 10.04 -3.08 16.01
CA THR A 133 11.14 -2.15 15.76
C THR A 133 10.68 -1.06 14.82
N TYR A 134 9.96 -1.47 13.78
CA TYR A 134 9.47 -0.57 12.74
C TYR A 134 8.43 0.39 13.32
N GLY A 135 7.49 -0.15 14.09
CA GLY A 135 6.46 0.72 14.72
C GLY A 135 7.07 1.74 15.67
N THR A 136 8.07 1.31 16.44
CA THR A 136 8.76 2.17 17.40
C THR A 136 9.47 3.29 16.65
N LEU A 137 10.12 2.95 15.55
CA LEU A 137 10.80 3.94 14.73
C LEU A 137 9.81 4.97 14.20
N LYS A 138 8.68 4.50 13.69
CA LYS A 138 7.70 5.41 13.11
C LYS A 138 7.15 6.37 14.17
N LYS A 139 6.92 5.85 15.38
CA LYS A 139 6.39 6.65 16.46
C LYS A 139 7.42 7.70 16.86
N GLN A 140 8.69 7.29 16.95
CA GLN A 140 9.81 8.19 17.25
CA GLN A 140 9.76 8.23 17.27
C GLN A 140 9.95 9.30 16.19
N LEU A 141 9.86 8.91 14.93
CA LEU A 141 9.96 9.89 13.82
C LEU A 141 8.86 10.95 13.91
N ALA A 142 7.62 10.51 14.14
CA ALA A 142 6.48 11.41 14.26
C ALA A 142 6.67 12.40 15.41
N GLN A 143 7.35 11.98 16.47
CA GLN A 143 7.70 12.84 17.60
C GLN A 143 8.87 13.77 17.27
N ALA A 144 9.44 13.65 16.07
CA ALA A 144 10.56 14.50 15.63
C ALA A 144 10.17 15.40 14.44
N HIS A 145 9.30 14.92 13.56
CA HIS A 145 8.81 15.68 12.40
C HIS A 145 7.28 15.72 12.33
N PRO A 146 6.61 16.47 13.24
CA PRO A 146 5.14 16.56 13.14
C PRO A 146 4.76 17.40 11.94
N ASP A 147 5.63 18.35 11.60
CA ASP A 147 5.48 19.26 10.48
C ASP A 147 5.76 18.62 9.11
N SER A 148 6.89 17.90 9.01
CA SER A 148 7.36 17.38 7.71
C SER A 148 7.06 15.90 7.50
N ILE A 149 6.14 15.61 6.59
CA ILE A 149 5.96 14.21 6.13
C ILE A 149 7.14 13.81 5.24
N ASP A 150 7.76 14.79 4.58
CA ASP A 150 8.94 14.57 3.74
C ASP A 150 10.11 14.00 4.54
N LYS A 151 10.45 14.66 5.65
CA LYS A 151 11.47 14.17 6.57
C LYS A 151 11.06 12.84 7.23
N TYR A 152 9.77 12.70 7.56
CA TYR A 152 9.23 11.46 8.10
C TYR A 152 9.49 10.30 7.13
N MSE A 153 9.00 10.45 5.89
CA MSE A 153 9.18 9.44 4.83
C MSE A 153 10.66 9.25 4.48
O MSE A 153 11.17 8.13 4.52
CB MSE A 153 8.39 9.80 3.57
CG MSE A 153 6.89 9.94 3.76
SE MSE A 153 5.96 8.26 4.14
CE MSE A 153 5.96 7.48 2.32
N LYS A 156 12.38 6.91 7.28
CA LYS A 156 12.26 5.48 7.50
C LYS A 156 12.94 4.70 6.34
N ASP A 157 13.50 5.44 5.38
CA ASP A 157 13.79 4.83 4.07
C ASP A 157 14.85 3.72 4.12
N ALA A 158 15.94 3.98 4.83
CA ALA A 158 17.04 3.02 4.92
C ALA A 158 16.57 1.73 5.62
N PHE A 159 15.75 1.90 6.67
CA PHE A 159 15.19 0.77 7.39
C PHE A 159 14.30 -0.05 6.46
N ILE A 160 13.42 0.64 5.76
CA ILE A 160 12.52 -0.06 4.83
C ILE A 160 13.30 -0.85 3.76
N LYS A 161 14.30 -0.24 3.15
CA LYS A 161 15.11 -0.96 2.14
C LYS A 161 15.80 -2.18 2.73
N LYS A 162 16.31 -2.06 3.95
CA LYS A 162 16.95 -3.20 4.60
C LYS A 162 15.94 -4.34 4.79
N ILE A 163 14.79 -4.00 5.32
CA ILE A 163 13.75 -5.00 5.57
C ILE A 163 13.21 -5.60 4.28
N GLU A 164 13.06 -4.76 3.26
CA GLU A 164 12.57 -5.26 1.95
C GLU A 164 13.53 -6.34 1.42
N LYS A 165 14.82 -6.12 1.63
CA LYS A 165 15.82 -7.06 1.15
C LYS A 165 15.74 -8.37 1.94
N GLU A 166 15.70 -8.27 3.28
CA GLU A 166 15.53 -9.45 4.12
C GLU A 166 14.24 -10.20 3.72
N ALA A 167 13.18 -9.43 3.45
CA ALA A 167 11.87 -10.00 3.17
C ALA A 167 11.87 -10.80 1.85
N LEU A 168 12.53 -10.25 0.83
CA LEU A 168 12.53 -10.89 -0.49
C LEU A 168 13.37 -12.19 -0.43
N LYS A 169 14.46 -12.16 0.32
CA LYS A 169 15.25 -13.39 0.54
C LYS A 169 14.35 -14.46 1.18
N LYS A 170 13.60 -14.06 2.21
CA LYS A 170 12.77 -15.00 2.96
C LYS A 170 11.63 -15.55 2.11
N TYR A 171 11.13 -14.73 1.19
CA TYR A 171 9.99 -15.06 0.33
C TYR A 171 10.20 -16.43 -0.36
N TRP A 172 11.45 -16.74 -0.75
CA TRP A 172 11.75 -17.95 -1.54
C TRP A 172 11.98 -19.20 -0.70
N GLU A 173 12.17 -19.00 0.62
CA GLU A 173 12.61 -20.11 1.47
C GLU A 173 11.52 -21.13 1.70
#